data_7P23
#
_entry.id   7P23
#
_cell.length_a   44.140
_cell.length_b   77.523
_cell.length_c   143.896
_cell.angle_alpha   90.000
_cell.angle_beta   90.000
_cell.angle_gamma   90.000
#
_symmetry.space_group_name_H-M   'P 21 21 21'
#
loop_
_entity.id
_entity.type
_entity.pdbx_description
1 polymer 'Thaumatin-like protein of Puccinia graminis'
2 non-polymer 'SODIUM ION'
3 water water
#
_entity_poly.entity_id   1
_entity_poly.type   'polypeptide(L)'
_entity_poly.pdbx_seq_one_letter_code
;MRTFTIRNNCPFTIWPAHFTNPDSPTKLTSQVAGWDAPARSQKSFQVPDRWAGRFWGRRNCDFSKQGPSSCATGGCNGGL
ICDARTGSGVPPATLAEFKLNGDGGKDYYDVSNVDGSNLPVLISNNKGCPSPSCRVDLNPGCPEDRMKVKDGRGTTIGCL
SACQANLDGNHGNSANCCTGSHGKPETCPKTGVKYYDYFKGKCPDAYAYAYDESSQSALWTCNKGADYTVTFCPHHHHHH
;
_entity_poly.pdbx_strand_id   A,B
#
# COMPACT_ATOMS: atom_id res chain seq x y z
N MET A 1 -2.13 19.83 -4.79
CA MET A 1 -2.65 18.53 -4.38
C MET A 1 -1.59 17.59 -3.82
N ARG A 2 -1.90 16.95 -2.71
CA ARG A 2 -1.16 15.78 -2.27
C ARG A 2 -1.94 14.54 -2.67
N THR A 3 -1.26 13.40 -2.70
CA THR A 3 -1.92 12.12 -2.77
C THR A 3 -1.86 11.44 -1.40
N PHE A 4 -3.02 11.03 -0.90
CA PHE A 4 -3.09 10.23 0.31
C PHE A 4 -3.50 8.81 -0.08
N THR A 5 -2.87 7.83 0.55
CA THR A 5 -3.23 6.43 0.38
C THR A 5 -3.64 5.86 1.73
N ILE A 6 -4.84 5.30 1.79
CA ILE A 6 -5.36 4.64 2.99
C ILE A 6 -5.37 3.14 2.71
N ARG A 7 -4.50 2.41 3.43
CA ARG A 7 -4.23 1.01 3.14
C ARG A 7 -4.69 0.16 4.31
N ASN A 8 -5.50 -0.86 4.02
CA ASN A 8 -5.91 -1.85 5.03
C ASN A 8 -5.05 -3.10 4.88
N ASN A 9 -4.09 -3.26 5.78
CA ASN A 9 -3.27 -4.46 5.84
C ASN A 9 -3.78 -5.45 6.89
N CYS A 10 -4.94 -5.19 7.48
CA CYS A 10 -5.51 -6.13 8.44
C CYS A 10 -6.07 -7.36 7.74
N PRO A 11 -6.15 -8.50 8.43
CA PRO A 11 -6.70 -9.71 7.81
C PRO A 11 -8.23 -9.75 7.83
N PHE A 12 -8.86 -8.61 8.07
CA PHE A 12 -10.31 -8.50 8.10
C PHE A 12 -10.71 -7.19 7.43
N THR A 13 -11.98 -7.11 7.05
CA THR A 13 -12.50 -5.86 6.52
C THR A 13 -12.55 -4.80 7.60
N ILE A 14 -12.14 -3.58 7.24
CA ILE A 14 -12.39 -2.41 8.07
C ILE A 14 -13.09 -1.38 7.20
N TRP A 15 -13.67 -0.38 7.85
CA TRP A 15 -14.36 0.71 7.15
C TRP A 15 -13.68 2.02 7.51
N PRO A 16 -12.72 2.47 6.71
CA PRO A 16 -12.08 3.76 7.01
C PRO A 16 -13.05 4.91 6.84
N ALA A 17 -12.67 6.04 7.43
CA ALA A 17 -13.47 7.25 7.33
C ALA A 17 -12.54 8.44 7.47
N HIS A 18 -13.05 9.61 7.08
CA HIS A 18 -12.33 10.85 7.35
C HIS A 18 -13.31 11.91 7.82
N PHE A 19 -12.75 12.91 8.49
CA PHE A 19 -13.49 14.04 9.02
C PHE A 19 -12.60 15.26 8.90
N THR A 20 -13.18 16.39 8.52
CA THR A 20 -12.43 17.61 8.29
C THR A 20 -12.65 18.57 9.45
N ASN A 21 -11.57 19.15 9.96
CA ASN A 21 -11.69 20.07 11.08
C ASN A 21 -12.57 21.25 10.67
N PRO A 22 -13.42 21.76 11.57
CA PRO A 22 -14.30 22.87 11.21
C PRO A 22 -13.57 24.11 10.73
N ASP A 23 -12.32 24.32 11.18
CA ASP A 23 -11.54 25.48 10.77
C ASP A 23 -10.53 25.16 9.67
N SER A 24 -10.67 24.02 9.00
CA SER A 24 -9.79 23.71 7.88
C SER A 24 -10.03 24.67 6.74
N PRO A 25 -8.99 25.30 6.18
CA PRO A 25 -9.21 26.23 5.06
C PRO A 25 -9.73 25.57 3.80
N THR A 26 -9.48 24.27 3.61
CA THR A 26 -9.86 23.57 2.40
C THR A 26 -10.57 22.27 2.74
N LYS A 27 -11.29 21.74 1.76
CA LYS A 27 -12.16 20.58 1.95
C LYS A 27 -11.62 19.38 1.17
N LEU A 28 -11.85 18.19 1.72
CA LEU A 28 -11.46 16.95 1.04
C LEU A 28 -12.69 16.47 0.27
N THR A 29 -12.67 16.62 -1.05
CA THR A 29 -13.82 16.33 -1.88
C THR A 29 -13.61 15.19 -2.87
N SER A 30 -12.37 14.72 -3.06
CA SER A 30 -12.10 13.70 -4.06
C SER A 30 -12.64 12.33 -3.66
N GLN A 31 -12.83 12.10 -2.36
CA GLN A 31 -13.19 10.79 -1.84
C GLN A 31 -14.23 10.97 -0.74
N VAL A 32 -15.35 10.25 -0.84
CA VAL A 32 -16.37 10.34 0.20
C VAL A 32 -15.81 9.89 1.54
N ALA A 33 -16.40 10.39 2.61
CA ALA A 33 -15.84 10.26 3.96
C ALA A 33 -16.13 8.92 4.62
N GLY A 34 -16.15 7.83 3.86
CA GLY A 34 -16.30 6.51 4.44
C GLY A 34 -16.43 5.45 3.38
N TRP A 35 -15.83 4.29 3.58
CA TRP A 35 -15.87 3.24 2.57
C TRP A 35 -15.55 1.89 3.20
N ASP A 36 -15.87 0.84 2.45
CA ASP A 36 -15.56 -0.54 2.81
C ASP A 36 -14.16 -0.84 2.26
N ALA A 37 -13.25 -1.25 3.15
CA ALA A 37 -11.89 -1.63 2.76
C ALA A 37 -11.67 -3.11 3.05
N PRO A 38 -11.75 -3.97 2.04
CA PRO A 38 -11.47 -5.39 2.27
C PRO A 38 -10.05 -5.60 2.76
N ALA A 39 -9.81 -6.77 3.35
CA ALA A 39 -8.47 -7.12 3.79
C ALA A 39 -7.50 -7.00 2.63
N ARG A 40 -6.36 -6.36 2.89
CA ARG A 40 -5.28 -6.21 1.90
C ARG A 40 -5.76 -5.43 0.67
N SER A 41 -6.14 -4.18 0.91
CA SER A 41 -6.63 -3.29 -0.13
C SER A 41 -6.18 -1.88 0.20
N GLN A 42 -6.42 -0.95 -0.74
CA GLN A 42 -6.17 0.45 -0.46
C GLN A 42 -7.09 1.33 -1.28
N LYS A 43 -7.19 2.58 -0.85
CA LYS A 43 -7.88 3.63 -1.59
C LYS A 43 -6.98 4.85 -1.59
N SER A 44 -6.73 5.41 -2.77
CA SER A 44 -5.89 6.60 -2.90
C SER A 44 -6.68 7.73 -3.54
N PHE A 45 -6.36 8.96 -3.14
CA PHE A 45 -7.15 10.12 -3.56
C PHE A 45 -6.35 11.39 -3.30
N GLN A 46 -6.75 12.46 -3.97
CA GLN A 46 -6.08 13.75 -3.84
C GLN A 46 -6.64 14.55 -2.67
N VAL A 47 -5.74 15.23 -1.97
CA VAL A 47 -6.10 16.06 -0.81
C VAL A 47 -5.47 17.43 -1.01
N PRO A 48 -6.22 18.52 -0.85
CA PRO A 48 -5.65 19.84 -1.13
C PRO A 48 -4.70 20.29 -0.04
N ASP A 49 -3.72 21.10 -0.44
CA ASP A 49 -2.89 21.82 0.51
C ASP A 49 -3.77 22.53 1.52
N ARG A 50 -3.28 22.61 2.76
CA ARG A 50 -3.91 23.29 3.89
C ARG A 50 -5.07 22.49 4.49
N TRP A 51 -5.39 21.31 3.97
CA TRP A 51 -6.42 20.51 4.60
C TRP A 51 -5.99 20.09 6.00
N ALA A 52 -6.94 20.11 6.93
CA ALA A 52 -6.71 19.63 8.29
C ALA A 52 -7.88 18.74 8.68
N GLY A 53 -7.56 17.55 9.17
CA GLY A 53 -8.59 16.59 9.52
C GLY A 53 -7.97 15.30 10.01
N ARG A 54 -8.78 14.23 9.98
CA ARG A 54 -8.32 12.97 10.54
C ARG A 54 -8.91 11.79 9.80
N PHE A 55 -8.20 10.67 9.83
CA PHE A 55 -8.67 9.40 9.32
C PHE A 55 -8.71 8.39 10.46
N TRP A 56 -9.60 7.41 10.34
CA TRP A 56 -9.63 6.30 11.29
C TRP A 56 -10.28 5.11 10.60
N GLY A 57 -10.18 3.97 11.26
CA GLY A 57 -10.76 2.73 10.76
C GLY A 57 -11.83 2.24 11.72
N ARG A 58 -12.96 1.82 11.16
CA ARG A 58 -14.08 1.34 11.95
C ARG A 58 -14.15 -0.18 11.81
N ARG A 59 -14.47 -0.86 12.90
CA ARG A 59 -14.54 -2.31 12.89
C ARG A 59 -15.98 -2.77 13.09
N ASN A 60 -16.34 -3.86 12.41
CA ASN A 60 -17.61 -4.57 12.58
C ASN A 60 -18.80 -3.64 12.33
N CYS A 61 -18.93 -3.24 11.08
CA CYS A 61 -19.98 -2.33 10.65
C CYS A 61 -21.15 -3.09 10.02
N ASP A 62 -22.37 -2.66 10.36
CA ASP A 62 -23.60 -3.21 9.80
C ASP A 62 -24.50 -1.99 9.63
N PHE A 63 -24.66 -1.56 8.37
CA PHE A 63 -25.32 -0.29 8.09
C PHE A 63 -26.83 -0.40 7.99
N SER A 64 -27.41 -1.52 8.42
CA SER A 64 -28.84 -1.56 8.66
C SER A 64 -29.21 -0.78 9.92
N LYS A 65 -28.24 -0.55 10.81
CA LYS A 65 -28.40 0.29 11.98
C LYS A 65 -27.92 1.70 11.63
N GLN A 66 -28.67 2.70 12.05
CA GLN A 66 -28.36 4.07 11.69
C GLN A 66 -27.49 4.74 12.74
N GLY A 67 -26.76 5.76 12.31
CA GLY A 67 -25.91 6.51 13.20
C GLY A 67 -24.69 5.74 13.62
N PRO A 68 -24.02 6.20 14.68
CA PRO A 68 -22.77 5.55 15.11
C PRO A 68 -22.94 4.09 15.49
N SER A 69 -24.15 3.66 15.88
N SER A 69 -24.14 3.67 15.88
CA SER A 69 -24.35 2.26 16.23
CA SER A 69 -24.39 2.27 16.22
C SER A 69 -24.15 1.32 15.04
C SER A 69 -24.14 1.32 15.05
N SER A 70 -23.96 1.86 13.84
CA SER A 70 -23.68 1.01 12.69
C SER A 70 -22.36 0.25 12.85
N CYS A 71 -21.41 0.80 13.62
CA CYS A 71 -20.11 0.17 13.77
C CYS A 71 -19.80 -0.05 15.24
N ALA A 72 -19.11 -1.16 15.52
CA ALA A 72 -18.75 -1.50 16.89
C ALA A 72 -17.72 -0.53 17.46
N THR A 73 -16.79 -0.05 16.63
CA THR A 73 -15.82 0.96 17.04
C THR A 73 -15.76 2.05 15.98
N GLY A 74 -15.71 3.30 16.44
CA GLY A 74 -15.52 4.42 15.54
C GLY A 74 -16.72 4.83 14.71
N GLY A 75 -17.92 4.39 15.09
CA GLY A 75 -19.09 4.74 14.31
C GLY A 75 -19.34 6.23 14.28
N CYS A 76 -20.04 6.67 13.23
CA CYS A 76 -20.26 8.09 13.00
C CYS A 76 -21.68 8.34 12.51
N ASN A 77 -22.18 9.54 12.81
CA ASN A 77 -23.41 10.01 12.19
C ASN A 77 -23.22 10.01 10.68
N GLY A 78 -24.24 9.54 9.97
CA GLY A 78 -24.19 9.36 8.54
C GLY A 78 -24.09 7.91 8.09
N GLY A 79 -23.62 7.03 8.96
CA GLY A 79 -23.49 5.63 8.61
C GLY A 79 -22.20 5.34 7.85
N LEU A 80 -22.33 4.82 6.63
CA LEU A 80 -21.15 4.47 5.85
C LEU A 80 -20.28 5.69 5.58
N ILE A 81 -20.88 6.77 5.10
CA ILE A 81 -20.19 8.01 4.81
C ILE A 81 -20.43 8.94 5.99
N CYS A 82 -19.35 9.33 6.67
CA CYS A 82 -19.49 10.14 7.88
C CYS A 82 -19.87 11.58 7.53
N ASP A 83 -20.88 12.09 8.24
CA ASP A 83 -21.41 13.42 7.97
C ASP A 83 -20.33 14.49 8.08
N ALA A 84 -20.41 15.48 7.21
CA ALA A 84 -19.38 16.52 7.14
C ALA A 84 -19.27 17.30 8.43
N ARG A 85 -20.40 17.56 9.09
CA ARG A 85 -20.40 18.41 10.27
C ARG A 85 -20.38 17.62 11.58
N THR A 86 -21.15 16.53 11.66
CA THR A 86 -21.34 15.80 12.90
C THR A 86 -20.71 14.41 12.87
N GLY A 87 -19.90 14.11 11.87
CA GLY A 87 -19.48 12.74 11.62
C GLY A 87 -18.18 12.27 12.24
N SER A 88 -17.77 12.82 13.36
N SER A 88 -17.79 12.83 13.37
CA SER A 88 -16.57 12.32 14.02
CA SER A 88 -16.62 12.33 14.08
C SER A 88 -16.85 10.95 14.63
C SER A 88 -16.87 10.91 14.58
N GLY A 89 -15.80 10.12 14.66
CA GLY A 89 -15.95 8.74 15.09
C GLY A 89 -16.07 8.61 16.61
N VAL A 90 -16.99 7.77 17.05
CA VAL A 90 -17.20 7.53 18.48
C VAL A 90 -16.07 6.66 19.01
N PRO A 91 -15.44 7.03 20.12
CA PRO A 91 -14.33 6.22 20.65
C PRO A 91 -14.78 4.80 20.94
N PRO A 92 -13.85 3.83 20.89
CA PRO A 92 -12.43 4.00 20.60
C PRO A 92 -12.12 3.99 19.10
N ALA A 93 -11.25 4.90 18.68
CA ALA A 93 -10.85 4.99 17.27
C ALA A 93 -9.46 5.60 17.23
N THR A 94 -8.47 4.77 16.87
CA THR A 94 -7.13 5.28 16.63
C THR A 94 -7.15 6.24 15.46
N LEU A 95 -6.61 7.44 15.66
CA LEU A 95 -6.68 8.50 14.66
C LEU A 95 -5.33 8.69 13.98
N ALA A 96 -5.38 8.97 12.69
CA ALA A 96 -4.25 9.54 11.94
C ALA A 96 -4.67 10.97 11.62
N GLU A 97 -4.08 11.94 12.34
CA GLU A 97 -4.46 13.34 12.24
C GLU A 97 -3.46 14.09 11.39
N PHE A 98 -3.95 15.07 10.63
CA PHE A 98 -3.14 15.87 9.73
C PHE A 98 -3.55 17.33 9.80
N LYS A 99 -2.56 18.21 9.80
CA LYS A 99 -2.75 19.64 9.54
C LYS A 99 -1.71 20.03 8.49
N LEU A 100 -2.13 20.05 7.23
CA LEU A 100 -1.21 20.36 6.15
C LEU A 100 -0.93 21.85 6.09
N ASN A 101 0.31 22.19 5.75
CA ASN A 101 0.71 23.58 5.50
C ASN A 101 0.34 24.47 6.69
N GLY A 102 0.78 24.07 7.87
CA GLY A 102 0.52 24.80 9.10
C GLY A 102 1.57 25.83 9.40
N ASP A 103 1.78 26.08 10.70
CA ASP A 103 2.72 27.11 11.14
C ASP A 103 4.12 26.81 10.61
N GLY A 104 4.80 27.87 10.17
CA GLY A 104 6.14 27.72 9.63
C GLY A 104 6.21 26.95 8.33
N GLY A 105 5.10 26.85 7.60
CA GLY A 105 5.09 26.14 6.34
C GLY A 105 5.31 24.65 6.45
N LYS A 106 4.98 24.05 7.59
N LYS A 106 4.97 24.06 7.58
CA LYS A 106 5.18 22.64 7.83
CA LYS A 106 5.18 22.64 7.84
C LYS A 106 3.84 21.92 7.90
C LYS A 106 3.85 21.91 7.93
N ASP A 107 3.85 20.64 7.52
CA ASP A 107 2.74 19.76 7.81
C ASP A 107 2.91 19.24 9.23
N TYR A 108 1.81 19.06 9.94
CA TYR A 108 1.80 18.42 11.24
C TYR A 108 0.90 17.20 11.17
N TYR A 109 1.37 16.08 11.68
CA TYR A 109 0.58 14.86 11.68
C TYR A 109 0.88 14.08 12.96
N ASP A 110 0.03 13.10 13.27
CA ASP A 110 0.25 12.28 14.45
C ASP A 110 -0.70 11.10 14.45
N VAL A 111 -0.33 10.08 15.22
CA VAL A 111 -1.22 8.99 15.58
C VAL A 111 -1.72 9.29 16.98
N SER A 112 -3.04 9.22 17.19
CA SER A 112 -3.62 9.57 18.47
C SER A 112 -4.50 8.45 19.00
N ASN A 113 -4.18 7.98 20.21
CA ASN A 113 -5.02 7.09 21.00
C ASN A 113 -5.54 7.79 22.26
N VAL A 114 -5.71 9.12 22.20
CA VAL A 114 -6.10 9.88 23.38
C VAL A 114 -7.41 9.37 23.97
N ASP A 115 -8.37 9.05 23.11
CA ASP A 115 -9.69 8.60 23.57
C ASP A 115 -9.80 7.08 23.57
N GLY A 116 -8.70 6.38 23.35
CA GLY A 116 -8.70 4.93 23.22
C GLY A 116 -8.10 4.50 21.89
N SER A 117 -7.93 3.19 21.77
CA SER A 117 -7.29 2.58 20.62
C SER A 117 -8.21 1.51 20.05
N ASN A 118 -8.15 1.34 18.72
CA ASN A 118 -8.84 0.20 18.11
C ASN A 118 -8.06 -0.55 17.05
N LEU A 119 -7.06 0.06 16.39
CA LEU A 119 -6.31 -0.59 15.33
C LEU A 119 -4.88 -0.10 15.35
N PRO A 120 -3.90 -0.96 15.06
CA PRO A 120 -2.54 -0.47 14.82
C PRO A 120 -2.51 0.37 13.55
N VAL A 121 -1.71 1.44 13.56
CA VAL A 121 -1.69 2.43 12.49
C VAL A 121 -0.26 2.92 12.29
N LEU A 122 0.11 3.10 11.02
CA LEU A 122 1.37 3.72 10.64
C LEU A 122 1.07 4.87 9.68
N ILE A 123 1.71 6.02 9.91
CA ILE A 123 1.68 7.13 8.96
C ILE A 123 3.05 7.21 8.30
N SER A 124 3.11 6.93 7.01
N SER A 124 3.10 6.92 7.01
CA SER A 124 4.36 6.99 6.27
CA SER A 124 4.32 6.98 6.22
C SER A 124 4.25 8.07 5.19
C SER A 124 4.27 8.15 5.26
N ASN A 125 5.41 8.42 4.64
CA ASN A 125 5.50 9.48 3.64
C ASN A 125 6.60 9.14 2.66
N ASN A 126 6.66 9.91 1.58
CA ASN A 126 7.62 9.66 0.50
C ASN A 126 8.75 10.68 0.47
N LYS A 127 9.02 11.35 1.60
CA LYS A 127 10.05 12.39 1.67
C LYS A 127 11.07 12.15 2.77
N GLY A 128 11.04 11.01 3.45
CA GLY A 128 11.98 10.75 4.51
C GLY A 128 11.68 11.47 5.81
N CYS A 129 10.47 12.00 5.97
CA CYS A 129 10.10 12.72 7.18
C CYS A 129 9.72 11.73 8.27
N PRO A 130 9.64 12.19 9.54
CA PRO A 130 9.31 11.27 10.63
C PRO A 130 8.01 10.53 10.37
N SER A 131 7.97 9.27 10.81
N SER A 131 7.96 9.27 10.82
CA SER A 131 6.86 8.36 10.53
CA SER A 131 6.85 8.37 10.53
C SER A 131 6.35 7.76 11.82
C SER A 131 6.36 7.75 11.83
N PRO A 132 5.32 8.32 12.44
CA PRO A 132 4.80 7.78 13.69
C PRO A 132 3.94 6.55 13.47
N SER A 133 3.93 5.68 14.47
CA SER A 133 3.16 4.45 14.37
C SER A 133 2.78 3.94 15.75
N CYS A 134 1.72 3.13 15.77
CA CYS A 134 1.40 2.26 16.89
C CYS A 134 1.26 0.89 16.23
N ARG A 135 2.33 0.10 16.25
CA ARG A 135 2.36 -1.14 15.48
C ARG A 135 1.87 -2.35 16.28
N VAL A 136 2.00 -2.32 17.60
CA VAL A 136 1.57 -3.46 18.40
C VAL A 136 0.07 -3.38 18.66
N ASP A 137 -0.53 -4.54 18.91
CA ASP A 137 -1.96 -4.65 19.16
C ASP A 137 -2.21 -4.38 20.64
N LEU A 138 -2.99 -3.34 20.93
CA LEU A 138 -3.29 -2.95 22.30
C LEU A 138 -4.52 -3.63 22.87
N ASN A 139 -5.25 -4.40 22.06
CA ASN A 139 -6.51 -4.97 22.53
C ASN A 139 -6.32 -6.13 23.49
N PRO A 140 -5.47 -7.13 23.23
CA PRO A 140 -5.40 -8.27 24.15
C PRO A 140 -5.02 -7.90 25.57
N GLY A 141 -4.16 -6.91 25.74
CA GLY A 141 -3.72 -6.50 27.06
C GLY A 141 -4.49 -5.34 27.68
N CYS A 142 -5.61 -4.95 27.07
CA CYS A 142 -6.42 -3.86 27.59
C CYS A 142 -6.64 -4.05 29.09
N PRO A 143 -6.21 -3.12 29.94
CA PRO A 143 -5.96 -3.46 31.34
C PRO A 143 -7.18 -3.55 32.24
N GLU A 144 -8.37 -3.16 31.78
CA GLU A 144 -9.52 -3.24 32.68
C GLU A 144 -10.79 -3.44 31.87
N ASP A 145 -11.73 -4.19 32.47
CA ASP A 145 -12.91 -4.64 31.73
C ASP A 145 -13.73 -3.47 31.20
N ARG A 146 -13.85 -2.39 31.97
CA ARG A 146 -14.64 -1.26 31.51
C ARG A 146 -14.02 -0.55 30.31
N MET A 147 -12.71 -0.71 30.08
CA MET A 147 -12.14 -0.14 28.85
C MET A 147 -12.32 -1.03 27.63
N LYS A 148 -12.70 -2.29 27.81
CA LYS A 148 -12.78 -3.20 26.66
C LYS A 148 -14.06 -2.95 25.87
N VAL A 149 -13.92 -2.88 24.56
CA VAL A 149 -15.04 -3.00 23.64
C VAL A 149 -14.93 -4.39 23.02
N LYS A 150 -15.99 -5.18 23.15
CA LYS A 150 -15.95 -6.57 22.77
C LYS A 150 -16.90 -6.80 21.60
N ASP A 151 -16.54 -7.75 20.75
CA ASP A 151 -17.44 -8.20 19.71
C ASP A 151 -18.44 -9.21 20.26
N GLY A 152 -19.29 -9.76 19.39
CA GLY A 152 -20.28 -10.72 19.84
C GLY A 152 -19.69 -12.01 20.36
N ARG A 153 -18.43 -12.29 20.03
CA ARG A 153 -17.73 -13.50 20.44
C ARG A 153 -16.97 -13.32 21.75
N GLY A 154 -16.94 -12.10 22.29
CA GLY A 154 -16.24 -11.82 23.53
C GLY A 154 -14.82 -11.34 23.36
N THR A 155 -14.34 -11.18 22.13
CA THR A 155 -12.98 -10.75 21.88
C THR A 155 -12.90 -9.23 21.93
N THR A 156 -11.84 -8.72 22.55
CA THR A 156 -11.62 -7.28 22.62
C THR A 156 -11.21 -6.75 21.26
N ILE A 157 -11.98 -5.78 20.74
CA ILE A 157 -11.69 -5.12 19.47
C ILE A 157 -11.39 -3.64 19.64
N GLY A 158 -11.41 -3.14 20.87
CA GLY A 158 -11.06 -1.76 21.13
C GLY A 158 -10.77 -1.61 22.61
N CYS A 159 -9.97 -0.60 22.95
CA CYS A 159 -9.56 -0.36 24.32
C CYS A 159 -9.69 1.14 24.57
N LEU A 160 -10.73 1.52 25.32
CA LEU A 160 -10.98 2.92 25.62
C LEU A 160 -9.92 3.46 26.57
N SER A 161 -9.68 4.76 26.48
CA SER A 161 -8.88 5.41 27.50
C SER A 161 -9.60 5.34 28.84
N ALA A 162 -8.86 5.56 29.93
CA ALA A 162 -9.49 5.60 31.25
C ALA A 162 -10.58 6.67 31.29
N CYS A 163 -10.31 7.81 30.64
CA CYS A 163 -11.30 8.87 30.57
C CYS A 163 -12.59 8.40 29.91
N GLN A 164 -12.48 7.82 28.71
CA GLN A 164 -13.68 7.43 27.97
C GLN A 164 -14.38 6.24 28.59
N ALA A 165 -13.66 5.40 29.34
CA ALA A 165 -14.27 4.30 30.08
C ALA A 165 -14.91 4.75 31.38
N ASN A 166 -14.77 6.03 31.74
CA ASN A 166 -15.40 6.60 32.93
C ASN A 166 -14.95 5.88 34.20
N LEU A 167 -13.66 5.51 34.25
CA LEU A 167 -13.15 4.74 35.38
C LEU A 167 -13.29 5.50 36.70
N ASP A 168 -13.05 6.81 36.67
CA ASP A 168 -13.19 7.62 37.88
C ASP A 168 -14.64 8.01 38.18
N GLY A 169 -15.58 7.68 37.30
CA GLY A 169 -16.98 7.96 37.55
C GLY A 169 -17.34 9.43 37.54
N ASN A 170 -16.48 10.28 37.00
CA ASN A 170 -16.64 11.72 37.15
C ASN A 170 -16.05 12.42 35.92
N HIS A 171 -16.74 12.28 34.78
CA HIS A 171 -16.25 12.85 33.53
C HIS A 171 -16.06 14.36 33.62
N GLY A 172 -16.87 15.04 34.43
CA GLY A 172 -16.86 16.48 34.55
C GLY A 172 -15.90 17.04 35.57
N ASN A 173 -15.04 16.22 36.16
CA ASN A 173 -14.03 16.71 37.08
C ASN A 173 -12.93 15.66 37.16
N SER A 174 -12.31 15.35 36.01
CA SER A 174 -11.54 14.12 35.85
C SER A 174 -10.07 14.43 35.56
N ALA A 175 -9.20 13.80 36.36
CA ALA A 175 -7.76 13.83 36.09
C ALA A 175 -7.36 12.92 34.94
N ASN A 176 -8.28 12.10 34.44
CA ASN A 176 -8.02 11.31 33.25
C ASN A 176 -8.40 12.07 31.98
N CYS A 177 -9.56 12.73 32.00
CA CYS A 177 -10.03 13.50 30.85
C CYS A 177 -9.40 14.88 30.77
N CYS A 178 -8.84 15.38 31.88
CA CYS A 178 -8.36 16.75 31.98
C CYS A 178 -9.54 17.74 31.86
N THR A 179 -10.49 17.61 32.77
CA THR A 179 -11.68 18.45 32.80
C THR A 179 -11.90 18.97 34.21
N GLY A 180 -12.76 19.98 34.32
CA GLY A 180 -13.12 20.52 35.62
C GLY A 180 -11.91 21.11 36.33
N SER A 181 -11.68 20.65 37.56
CA SER A 181 -10.52 21.11 38.32
C SER A 181 -9.20 20.68 37.72
N HIS A 182 -9.22 19.85 36.67
CA HIS A 182 -8.02 19.34 36.02
C HIS A 182 -7.95 19.77 34.56
N GLY A 183 -8.54 20.93 34.24
CA GLY A 183 -8.74 21.31 32.86
C GLY A 183 -7.65 22.15 32.22
N LYS A 184 -6.45 22.13 32.79
N LYS A 184 -6.45 22.13 32.79
CA LYS A 184 -5.32 22.80 32.15
CA LYS A 184 -5.30 22.82 32.22
C LYS A 184 -4.07 21.98 32.44
C LYS A 184 -4.07 21.95 32.43
N PRO A 185 -2.99 22.19 31.67
CA PRO A 185 -1.78 21.37 31.86
C PRO A 185 -1.27 21.30 33.29
N GLU A 186 -1.31 22.43 34.00
CA GLU A 186 -0.75 22.47 35.35
C GLU A 186 -1.52 21.57 36.30
N THR A 187 -2.81 21.31 36.02
CA THR A 187 -3.64 20.50 36.88
C THR A 187 -3.98 19.14 36.29
N CYS A 188 -3.35 18.75 35.18
CA CYS A 188 -3.58 17.43 34.61
C CYS A 188 -2.24 16.84 34.18
N PRO A 189 -1.42 16.42 35.14
CA PRO A 189 -0.15 15.80 34.80
C PRO A 189 -0.36 14.42 34.20
N LYS A 190 0.53 14.04 33.28
CA LYS A 190 0.38 12.74 32.63
C LYS A 190 0.53 11.60 33.63
N THR A 191 1.27 11.83 34.71
CA THR A 191 1.42 10.83 35.76
C THR A 191 0.14 10.63 36.57
N GLY A 192 -0.89 11.46 36.37
CA GLY A 192 -2.15 11.27 37.04
C GLY A 192 -3.20 10.60 36.17
N VAL A 193 -2.89 10.36 34.90
CA VAL A 193 -3.83 9.77 33.96
C VAL A 193 -3.74 8.26 34.08
N LYS A 194 -4.81 7.63 34.55
CA LYS A 194 -4.81 6.19 34.76
C LYS A 194 -4.55 5.46 33.46
N TYR A 195 -3.61 4.51 33.50
CA TYR A 195 -3.27 3.63 32.38
C TYR A 195 -2.56 4.34 31.24
N TYR A 196 -2.16 5.61 31.43
CA TYR A 196 -1.30 6.26 30.45
C TYR A 196 -0.07 5.40 30.15
N ASP A 197 0.51 4.79 31.19
CA ASP A 197 1.72 3.99 30.99
C ASP A 197 1.46 2.77 30.12
N TYR A 198 0.23 2.24 30.14
CA TYR A 198 -0.09 1.11 29.27
C TYR A 198 -0.04 1.53 27.81
N PHE A 199 -0.77 2.59 27.48
CA PHE A 199 -0.83 3.05 26.10
C PHE A 199 0.53 3.54 25.61
N LYS A 200 1.19 4.35 26.44
CA LYS A 200 2.46 4.96 26.03
C LYS A 200 3.58 3.93 25.97
N GLY A 201 3.56 2.92 26.85
CA GLY A 201 4.58 1.90 26.81
C GLY A 201 4.52 1.06 25.55
N LYS A 202 3.30 0.72 25.11
CA LYS A 202 3.17 -0.09 23.91
C LYS A 202 3.40 0.72 22.64
N CYS A 203 3.00 1.99 22.64
CA CYS A 203 3.11 2.84 21.46
C CYS A 203 3.58 4.23 21.85
N PRO A 204 4.89 4.41 22.05
CA PRO A 204 5.40 5.72 22.46
C PRO A 204 5.06 6.84 21.48
N ASP A 205 4.95 6.55 20.19
CA ASP A 205 4.69 7.61 19.22
C ASP A 205 3.29 8.19 19.37
N ALA A 206 2.33 7.38 19.81
CA ALA A 206 0.93 7.79 19.78
C ALA A 206 0.61 8.70 20.96
N TYR A 207 -0.21 9.71 20.70
CA TYR A 207 -0.69 10.55 21.79
C TYR A 207 -1.61 9.74 22.69
N ALA A 208 -1.47 9.94 24.00
CA ALA A 208 -2.23 9.16 24.97
C ALA A 208 -2.94 9.98 26.04
N TYR A 209 -2.76 11.29 26.11
CA TYR A 209 -3.67 12.06 26.96
C TYR A 209 -3.77 13.45 26.34
N ALA A 210 -4.54 14.32 26.99
CA ALA A 210 -4.93 15.58 26.36
C ALA A 210 -3.74 16.44 25.94
N TYR A 211 -2.63 16.37 26.68
CA TYR A 211 -1.54 17.33 26.45
C TYR A 211 -0.28 16.70 25.87
N ASP A 212 -0.37 15.48 25.33
CA ASP A 212 0.77 14.92 24.61
C ASP A 212 1.09 15.76 23.37
N GLU A 213 0.05 16.21 22.66
CA GLU A 213 0.28 16.98 21.44
C GLU A 213 1.03 18.26 21.73
N SER A 214 0.70 18.93 22.84
N SER A 214 0.72 18.92 22.85
CA SER A 214 1.42 20.14 23.21
CA SER A 214 1.42 20.14 23.21
C SER A 214 2.90 19.87 23.42
C SER A 214 2.89 19.90 23.48
N SER A 215 3.25 18.69 23.92
CA SER A 215 4.63 18.35 24.21
C SER A 215 5.38 17.76 23.03
N GLN A 216 4.71 17.01 22.16
CA GLN A 216 5.39 16.14 21.21
C GLN A 216 5.16 16.46 19.75
N SER A 217 4.35 17.47 19.41
CA SER A 217 3.98 17.70 18.02
C SER A 217 5.19 18.04 17.13
N ALA A 218 6.24 18.61 17.70
CA ALA A 218 7.42 18.93 16.90
C ALA A 218 8.14 17.70 16.37
N LEU A 219 7.84 16.51 16.91
CA LEU A 219 8.48 15.29 16.43
C LEU A 219 7.93 14.81 15.10
N TRP A 220 6.76 15.29 14.69
CA TRP A 220 6.01 14.67 13.59
C TRP A 220 5.62 15.75 12.57
N THR A 221 6.61 16.29 11.87
CA THR A 221 6.40 17.37 10.90
C THR A 221 7.17 17.08 9.62
N CYS A 222 6.71 17.72 8.53
CA CYS A 222 7.32 17.59 7.22
C CYS A 222 7.00 18.84 6.41
N ASN A 223 8.02 19.41 5.77
CA ASN A 223 7.82 20.61 4.94
C ASN A 223 8.30 20.40 3.52
N LYS A 224 8.20 19.16 3.02
CA LYS A 224 8.78 18.79 1.74
C LYS A 224 7.73 18.39 0.70
N GLY A 225 6.48 18.82 0.90
CA GLY A 225 5.42 18.51 -0.04
C GLY A 225 5.13 17.03 -0.15
N ALA A 226 5.07 16.33 0.97
CA ALA A 226 5.02 14.88 0.98
C ALA A 226 3.64 14.36 0.59
N ASP A 227 3.64 13.18 -0.01
CA ASP A 227 2.45 12.34 -0.07
C ASP A 227 2.47 11.45 1.16
N TYR A 228 1.29 11.07 1.64
CA TYR A 228 1.18 10.33 2.88
C TYR A 228 0.41 9.03 2.66
N THR A 229 0.79 8.00 3.43
CA THR A 229 0.09 6.73 3.46
C THR A 229 -0.26 6.42 4.90
N VAL A 230 -1.53 6.09 5.14
CA VAL A 230 -2.00 5.60 6.44
C VAL A 230 -2.27 4.12 6.28
N THR A 231 -1.54 3.29 7.02
CA THR A 231 -1.68 1.84 6.93
C THR A 231 -2.22 1.31 8.25
N PHE A 232 -3.33 0.57 8.17
CA PHE A 232 -3.88 -0.12 9.32
C PHE A 232 -3.31 -1.52 9.38
N CYS A 233 -2.97 -1.97 10.58
CA CYS A 233 -2.26 -3.22 10.81
C CYS A 233 -0.96 -3.28 10.00
N PRO A 234 -0.06 -2.33 10.18
CA PRO A 234 1.19 -2.33 9.39
C PRO A 234 2.08 -3.49 9.81
N HIS A 235 3.08 -3.75 8.97
CA HIS A 235 4.08 -4.77 9.28
C HIS A 235 4.86 -4.42 10.54
N MET B 1 30.83 -10.92 -14.06
CA MET B 1 29.61 -11.71 -14.22
C MET B 1 28.85 -11.83 -12.91
N ARG B 2 27.52 -11.90 -13.01
CA ARG B 2 26.66 -12.27 -11.91
C ARG B 2 26.07 -13.64 -12.21
N THR B 3 25.59 -14.31 -11.18
CA THR B 3 24.77 -15.50 -11.34
C THR B 3 23.31 -15.11 -11.06
N PHE B 4 22.44 -15.37 -12.02
CA PHE B 4 21.01 -15.21 -11.83
C PHE B 4 20.40 -16.60 -11.69
N THR B 5 19.47 -16.74 -10.76
CA THR B 5 18.71 -17.96 -10.58
C THR B 5 17.24 -17.65 -10.81
N ILE B 6 16.61 -18.40 -11.71
CA ILE B 6 15.19 -18.25 -12.01
C ILE B 6 14.48 -19.49 -11.47
N ARG B 7 13.65 -19.31 -10.45
CA ARG B 7 12.98 -20.41 -9.78
C ARG B 7 11.48 -20.39 -10.05
N ASN B 8 10.95 -21.52 -10.51
CA ASN B 8 9.51 -21.74 -10.56
C ASN B 8 9.10 -22.43 -9.27
N ASN B 9 8.61 -21.67 -8.30
CA ASN B 9 8.06 -22.25 -7.08
C ASN B 9 6.56 -22.56 -7.20
N CYS B 10 5.98 -22.39 -8.38
CA CYS B 10 4.56 -22.68 -8.54
C CYS B 10 4.33 -24.19 -8.59
N PRO B 11 3.12 -24.65 -8.24
CA PRO B 11 2.79 -26.07 -8.35
C PRO B 11 2.46 -26.54 -9.75
N PHE B 12 2.70 -25.71 -10.76
CA PHE B 12 2.44 -26.05 -12.15
C PHE B 12 3.63 -25.62 -12.99
N THR B 13 3.73 -26.18 -14.17
CA THR B 13 4.77 -25.77 -15.11
C THR B 13 4.54 -24.33 -15.54
N ILE B 14 5.61 -23.55 -15.59
CA ILE B 14 5.61 -22.26 -16.27
C ILE B 14 6.76 -22.26 -17.26
N TRP B 15 6.75 -21.28 -18.16
CA TRP B 15 7.80 -21.14 -19.16
C TRP B 15 8.44 -19.77 -18.99
N PRO B 16 9.53 -19.65 -18.26
CA PRO B 16 10.19 -18.36 -18.11
C PRO B 16 10.80 -17.89 -19.43
N ALA B 17 11.10 -16.60 -19.48
CA ALA B 17 11.67 -15.98 -20.67
C ALA B 17 12.46 -14.77 -20.23
N HIS B 18 13.34 -14.30 -21.11
CA HIS B 18 14.03 -13.05 -20.88
C HIS B 18 14.11 -12.24 -22.17
N PHE B 19 14.34 -10.94 -22.01
CA PHE B 19 14.43 -10.02 -23.14
C PHE B 19 15.42 -8.95 -22.74
N THR B 20 16.27 -8.56 -23.68
CA THR B 20 17.34 -7.59 -23.43
C THR B 20 16.98 -6.25 -24.04
N ASN B 21 17.11 -5.19 -23.25
CA ASN B 21 16.77 -3.85 -23.74
C ASN B 21 17.64 -3.52 -24.95
N PRO B 22 17.09 -2.82 -25.95
CA PRO B 22 17.89 -2.51 -27.14
C PRO B 22 19.16 -1.71 -26.86
N ASP B 23 19.17 -0.92 -25.79
CA ASP B 23 20.33 -0.11 -25.44
C ASP B 23 21.21 -0.77 -24.39
N SER B 24 20.95 -2.02 -24.04
CA SER B 24 21.81 -2.72 -23.09
C SER B 24 23.23 -2.79 -23.66
N PRO B 25 24.24 -2.35 -22.90
CA PRO B 25 25.62 -2.44 -23.39
C PRO B 25 26.11 -3.86 -23.59
N THR B 26 25.57 -4.82 -22.84
CA THR B 26 26.04 -6.20 -22.88
C THR B 26 24.87 -7.14 -23.14
N LYS B 27 25.20 -8.35 -23.61
CA LYS B 27 24.22 -9.32 -24.05
C LYS B 27 24.20 -10.52 -23.12
N LEU B 28 23.02 -11.11 -22.93
CA LEU B 28 22.87 -12.30 -22.10
C LEU B 28 22.96 -13.49 -23.05
N THR B 29 24.11 -14.14 -23.09
CA THR B 29 24.36 -15.20 -24.06
C THR B 29 24.44 -16.59 -23.46
N SER B 30 24.45 -16.71 -22.13
CA SER B 30 24.67 -18.00 -21.49
C SER B 30 23.43 -18.88 -21.46
N GLN B 31 22.25 -18.32 -21.69
CA GLN B 31 21.00 -19.02 -21.48
C GLN B 31 20.01 -18.53 -22.53
N VAL B 32 19.38 -19.48 -23.25
CA VAL B 32 18.39 -19.08 -24.25
C VAL B 32 17.22 -18.35 -23.58
N ALA B 33 16.55 -17.52 -24.37
CA ALA B 33 15.54 -16.58 -23.88
C ALA B 33 14.17 -17.21 -23.68
N GLY B 34 14.12 -18.49 -23.33
CA GLY B 34 12.85 -19.13 -23.00
C GLY B 34 13.03 -20.60 -22.74
N TRP B 35 12.36 -21.14 -21.72
CA TRP B 35 12.52 -22.55 -21.41
C TRP B 35 11.32 -23.05 -20.61
N ASP B 36 11.21 -24.37 -20.57
CA ASP B 36 10.19 -25.07 -19.77
C ASP B 36 10.74 -25.23 -18.36
N ALA B 37 10.02 -24.71 -17.37
CA ALA B 37 10.39 -24.84 -15.96
C ALA B 37 9.36 -25.69 -15.22
N PRO B 38 9.66 -26.96 -14.92
CA PRO B 38 8.71 -27.78 -14.16
C PRO B 38 8.46 -27.17 -12.79
N ALA B 39 7.35 -27.60 -12.19
CA ALA B 39 6.99 -27.12 -10.86
C ALA B 39 8.12 -27.40 -9.88
N ARG B 40 8.43 -26.40 -9.06
CA ARG B 40 9.43 -26.54 -7.99
C ARG B 40 10.81 -26.91 -8.56
N SER B 41 11.27 -26.11 -9.52
CA SER B 41 12.58 -26.27 -10.13
C SER B 41 13.17 -24.90 -10.38
N GLN B 42 14.48 -24.86 -10.63
CA GLN B 42 15.12 -23.59 -10.93
C GLN B 42 16.28 -23.80 -11.90
N LYS B 43 16.68 -22.70 -12.54
CA LYS B 43 17.73 -22.69 -13.54
C LYS B 43 18.63 -21.50 -13.26
N SER B 44 19.94 -21.72 -13.18
CA SER B 44 20.88 -20.64 -12.92
C SER B 44 21.81 -20.46 -14.12
N PHE B 45 22.29 -19.23 -14.29
CA PHE B 45 23.12 -18.90 -15.45
C PHE B 45 23.80 -17.57 -15.20
N GLN B 46 24.86 -17.32 -15.95
CA GLN B 46 25.65 -16.11 -15.78
C GLN B 46 25.07 -14.96 -16.61
N VAL B 47 25.13 -13.77 -16.04
CA VAL B 47 24.65 -12.54 -16.69
C VAL B 47 25.76 -11.51 -16.57
N PRO B 48 26.16 -10.86 -17.66
CA PRO B 48 27.29 -9.93 -17.58
C PRO B 48 26.92 -8.65 -16.85
N ASP B 49 27.92 -8.06 -16.18
CA ASP B 49 27.76 -6.71 -15.67
C ASP B 49 27.26 -5.80 -16.79
N ARG B 50 26.49 -4.78 -16.41
N ARG B 50 26.50 -4.78 -16.42
CA ARG B 50 25.91 -3.75 -17.28
CA ARG B 50 25.93 -3.77 -17.31
C ARG B 50 24.72 -4.25 -18.09
C ARG B 50 24.76 -4.28 -18.15
N TRP B 51 24.32 -5.51 -17.96
CA TRP B 51 23.16 -6.00 -18.70
C TRP B 51 21.89 -5.30 -18.21
N ALA B 52 21.00 -4.99 -19.14
CA ALA B 52 19.69 -4.41 -18.83
C ALA B 52 18.62 -5.15 -19.61
N GLY B 53 17.62 -5.66 -18.89
CA GLY B 53 16.57 -6.43 -19.52
C GLY B 53 15.56 -6.88 -18.49
N ARG B 54 14.78 -7.90 -18.84
CA ARG B 54 13.70 -8.33 -17.95
C ARG B 54 13.45 -9.81 -18.08
N PHE B 55 12.88 -10.39 -17.01
CA PHE B 55 12.43 -11.76 -16.98
C PHE B 55 10.93 -11.78 -16.70
N TRP B 56 10.27 -12.82 -17.20
CA TRP B 56 8.87 -13.03 -16.85
C TRP B 56 8.57 -14.51 -17.00
N GLY B 57 7.38 -14.90 -16.53
CA GLY B 57 6.91 -16.27 -16.67
C GLY B 57 5.68 -16.32 -17.53
N ARG B 58 5.55 -17.40 -18.31
CA ARG B 58 4.42 -17.61 -19.18
C ARG B 58 3.63 -18.82 -18.69
N ARG B 59 2.31 -18.73 -18.76
CA ARG B 59 1.45 -19.81 -18.31
C ARG B 59 0.71 -20.42 -19.50
N ASN B 60 0.46 -21.73 -19.41
CA ASN B 60 -0.38 -22.47 -20.35
C ASN B 60 0.12 -22.29 -21.79
N CYS B 61 1.31 -22.85 -22.03
CA CYS B 61 1.94 -22.75 -23.34
C CYS B 61 1.72 -24.03 -24.14
N ASP B 62 1.46 -23.88 -25.42
CA ASP B 62 1.33 -24.98 -26.37
C ASP B 62 2.02 -24.50 -27.64
N PHE B 63 3.21 -25.02 -27.91
CA PHE B 63 4.05 -24.50 -28.98
C PHE B 63 3.72 -25.11 -30.34
N SER B 64 2.63 -25.86 -30.44
CA SER B 64 2.06 -26.18 -31.74
C SER B 64 1.46 -24.95 -32.41
N LYS B 65 1.24 -23.88 -31.66
CA LYS B 65 0.72 -22.63 -32.18
C LYS B 65 1.88 -21.66 -32.39
N GLN B 66 1.78 -20.85 -33.43
CA GLN B 66 2.84 -19.91 -33.78
C GLN B 66 2.64 -18.58 -33.07
N GLY B 67 3.75 -17.92 -32.76
CA GLY B 67 3.73 -16.58 -32.23
C GLY B 67 3.33 -16.49 -30.77
N PRO B 68 2.98 -15.29 -30.32
CA PRO B 68 2.56 -15.12 -28.91
C PRO B 68 1.37 -15.96 -28.51
N SER B 69 0.52 -16.35 -29.47
CA SER B 69 -0.63 -17.19 -29.15
C SER B 69 -0.22 -18.56 -28.60
N SER B 70 1.07 -18.89 -28.63
CA SER B 70 1.53 -20.15 -28.05
C SER B 70 1.28 -20.21 -26.54
N CYS B 71 1.26 -19.07 -25.86
CA CYS B 71 1.05 -19.02 -24.42
C CYS B 71 -0.15 -18.16 -24.08
N ALA B 72 -0.89 -18.59 -23.05
CA ALA B 72 -2.10 -17.86 -22.66
C ALA B 72 -1.76 -16.51 -22.04
N THR B 73 -0.62 -16.40 -21.34
CA THR B 73 -0.15 -15.14 -20.80
C THR B 73 1.33 -15.00 -21.08
N GLY B 74 1.75 -13.79 -21.47
CA GLY B 74 3.16 -13.50 -21.66
C GLY B 74 3.78 -14.07 -22.91
N GLY B 75 2.99 -14.53 -23.88
CA GLY B 75 3.55 -15.11 -25.08
C GLY B 75 4.38 -14.14 -25.87
N CYS B 76 5.26 -14.69 -26.70
CA CYS B 76 6.24 -13.87 -27.41
C CYS B 76 6.46 -14.39 -28.82
N ASN B 77 6.80 -13.47 -29.73
CA ASN B 77 7.33 -13.86 -31.03
C ASN B 77 8.57 -14.73 -30.81
N GLY B 78 8.64 -15.85 -31.53
CA GLY B 78 9.68 -16.83 -31.38
C GLY B 78 9.19 -18.15 -30.82
N GLY B 79 8.11 -18.14 -30.06
CA GLY B 79 7.56 -19.35 -29.47
C GLY B 79 8.21 -19.66 -28.14
N LEU B 80 8.86 -20.83 -28.04
CA LEU B 80 9.50 -21.23 -26.79
C LEU B 80 10.61 -20.26 -26.41
N ILE B 81 11.52 -19.97 -27.35
CA ILE B 81 12.59 -19.01 -27.14
C ILE B 81 12.16 -17.68 -27.72
N CYS B 82 12.07 -16.66 -26.88
CA CYS B 82 11.60 -15.36 -27.33
C CYS B 82 12.65 -14.64 -28.17
N ASP B 83 12.20 -14.09 -29.29
CA ASP B 83 13.09 -13.47 -30.27
C ASP B 83 13.81 -12.25 -29.68
N ALA B 84 15.05 -12.05 -30.14
CA ALA B 84 15.94 -11.07 -29.52
C ALA B 84 15.37 -9.65 -29.57
N ARG B 85 14.69 -9.30 -30.65
CA ARG B 85 14.18 -7.94 -30.81
C ARG B 85 12.68 -7.83 -30.83
N THR B 86 11.97 -8.85 -31.30
CA THR B 86 10.52 -8.84 -31.36
C THR B 86 9.87 -9.65 -30.24
N GLY B 87 10.67 -10.15 -29.29
CA GLY B 87 10.18 -11.16 -28.36
C GLY B 87 9.70 -10.70 -27.00
N SER B 88 9.27 -9.45 -26.87
N SER B 88 9.26 -9.46 -26.86
CA SER B 88 8.71 -9.00 -25.60
CA SER B 88 8.73 -9.00 -25.58
C SER B 88 7.43 -9.76 -25.30
C SER B 88 7.41 -9.69 -25.29
N GLY B 89 7.20 -10.02 -24.01
CA GLY B 89 6.01 -10.77 -23.63
C GLY B 89 4.75 -9.93 -23.77
N VAL B 90 3.72 -10.55 -24.35
CA VAL B 90 2.44 -9.86 -24.55
C VAL B 90 1.70 -9.80 -23.21
N PRO B 91 1.14 -8.66 -22.83
CA PRO B 91 0.48 -8.56 -21.53
C PRO B 91 -0.68 -9.52 -21.44
N PRO B 92 -1.03 -9.97 -20.23
CA PRO B 92 -0.40 -9.59 -18.96
C PRO B 92 0.81 -10.47 -18.62
N ALA B 93 1.86 -9.84 -18.10
CA ALA B 93 3.08 -10.58 -17.76
C ALA B 93 3.81 -9.80 -16.67
N THR B 94 3.82 -10.34 -15.46
CA THR B 94 4.56 -9.71 -14.37
C THR B 94 6.05 -9.76 -14.66
N LEU B 95 6.71 -8.60 -14.59
CA LEU B 95 8.10 -8.49 -14.99
C LEU B 95 9.02 -8.38 -13.78
N ALA B 96 10.18 -9.02 -13.88
CA ALA B 96 11.33 -8.72 -13.02
C ALA B 96 12.33 -7.99 -13.91
N GLU B 97 12.46 -6.69 -13.72
CA GLU B 97 13.29 -5.83 -14.56
C GLU B 97 14.62 -5.54 -13.87
N PHE B 98 15.68 -5.45 -14.67
CA PHE B 98 17.02 -5.22 -14.14
C PHE B 98 17.77 -4.25 -15.05
N LYS B 99 18.48 -3.31 -14.42
N LYS B 99 18.50 -3.33 -14.41
CA LYS B 99 19.49 -2.51 -15.10
CA LYS B 99 19.49 -2.49 -15.09
C LYS B 99 20.74 -2.58 -14.22
C LYS B 99 20.75 -2.55 -14.24
N LEU B 100 21.69 -3.41 -14.62
CA LEU B 100 22.88 -3.63 -13.81
C LEU B 100 23.91 -2.54 -14.08
N ASN B 101 24.59 -2.11 -13.01
CA ASN B 101 25.72 -1.20 -13.13
C ASN B 101 25.35 0.09 -13.86
N GLY B 102 24.29 0.73 -13.38
CA GLY B 102 23.79 1.97 -13.94
C GLY B 102 24.41 3.19 -13.31
N ASP B 103 23.67 4.31 -13.36
CA ASP B 103 24.16 5.55 -12.78
C ASP B 103 24.51 5.38 -11.31
N GLY B 104 25.61 6.01 -10.90
CA GLY B 104 26.09 5.87 -9.55
C GLY B 104 26.71 4.53 -9.23
N GLY B 105 26.90 3.67 -10.23
CA GLY B 105 27.43 2.34 -9.98
C GLY B 105 26.44 1.38 -9.36
N LYS B 106 25.15 1.71 -9.39
CA LYS B 106 24.12 0.93 -8.72
C LYS B 106 23.39 0.05 -9.73
N ASP B 107 22.94 -1.11 -9.27
CA ASP B 107 21.95 -1.87 -10.00
C ASP B 107 20.57 -1.30 -9.68
N TYR B 108 19.70 -1.27 -10.68
CA TYR B 108 18.29 -0.91 -10.49
C TYR B 108 17.43 -2.08 -10.90
N TYR B 109 16.48 -2.45 -10.04
CA TYR B 109 15.61 -3.58 -10.35
C TYR B 109 14.22 -3.29 -9.80
N ASP B 110 13.25 -4.09 -10.21
CA ASP B 110 11.88 -3.89 -9.76
C ASP B 110 10.99 -5.02 -10.25
N VAL B 111 9.86 -5.20 -9.58
CA VAL B 111 8.76 -6.01 -10.05
C VAL B 111 7.73 -5.07 -10.65
N SER B 112 7.29 -5.37 -11.87
CA SER B 112 6.38 -4.48 -12.59
C SER B 112 5.12 -5.20 -13.04
N ASN B 113 3.98 -4.69 -12.61
CA ASN B 113 2.67 -5.08 -13.13
C ASN B 113 2.00 -3.94 -13.90
N VAL B 114 2.81 -3.06 -14.51
CA VAL B 114 2.27 -1.87 -15.17
C VAL B 114 1.26 -2.24 -16.24
N ASP B 115 1.55 -3.27 -17.03
CA ASP B 115 0.66 -3.70 -18.10
C ASP B 115 -0.26 -4.82 -17.67
N GLY B 116 -0.29 -5.14 -16.40
CA GLY B 116 -1.06 -6.25 -15.88
C GLY B 116 -0.18 -7.25 -15.15
N SER B 117 -0.85 -8.23 -14.54
CA SER B 117 -0.21 -9.22 -13.71
C SER B 117 -0.57 -10.62 -14.20
N ASN B 118 0.38 -11.54 -14.07
CA ASN B 118 0.05 -12.95 -14.33
C ASN B 118 0.62 -13.94 -13.34
N LEU B 119 1.64 -13.59 -12.55
CA LEU B 119 2.25 -14.50 -11.59
C LEU B 119 2.81 -13.73 -10.41
N PRO B 120 2.72 -14.28 -9.20
CA PRO B 120 3.46 -13.67 -8.08
C PRO B 120 4.96 -13.83 -8.29
N VAL B 121 5.70 -12.79 -7.93
CA VAL B 121 7.14 -12.73 -8.21
C VAL B 121 7.86 -12.09 -7.03
N LEU B 122 9.03 -12.63 -6.69
CA LEU B 122 9.96 -12.06 -5.72
C LEU B 122 11.33 -11.91 -6.36
N ILE B 123 11.98 -10.77 -6.13
CA ILE B 123 13.39 -10.59 -6.50
C ILE B 123 14.21 -10.57 -5.22
N SER B 124 15.06 -11.56 -5.04
N SER B 124 15.05 -11.57 -5.05
CA SER B 124 15.93 -11.63 -3.89
CA SER B 124 15.95 -11.68 -3.90
C SER B 124 17.39 -11.56 -4.33
C SER B 124 17.38 -11.45 -4.35
N ASN B 125 18.27 -11.35 -3.36
CA ASN B 125 19.69 -11.16 -3.63
C ASN B 125 20.49 -11.68 -2.46
N ASN B 126 21.81 -11.79 -2.66
CA ASN B 126 22.69 -12.35 -1.65
C ASN B 126 23.51 -11.29 -0.92
N LYS B 127 23.09 -10.02 -0.96
CA LYS B 127 23.87 -8.94 -0.37
C LYS B 127 23.09 -8.10 0.64
N GLY B 128 21.90 -8.55 1.05
CA GLY B 128 21.10 -7.78 1.98
C GLY B 128 20.42 -6.58 1.40
N CYS B 129 20.37 -6.46 0.08
CA CYS B 129 19.78 -5.30 -0.57
C CYS B 129 18.26 -5.42 -0.59
N PRO B 130 17.54 -4.34 -0.91
CA PRO B 130 16.08 -4.39 -0.93
C PRO B 130 15.56 -5.48 -1.85
N SER B 131 14.44 -6.09 -1.44
N SER B 131 14.42 -6.08 -1.46
CA SER B 131 13.87 -7.26 -2.13
CA SER B 131 13.87 -7.25 -2.13
C SER B 131 12.39 -7.00 -2.41
C SER B 131 12.39 -7.02 -2.41
N PRO B 132 12.04 -6.53 -3.60
CA PRO B 132 10.64 -6.28 -3.92
C PRO B 132 9.91 -7.57 -4.30
N SER B 133 8.62 -7.59 -4.01
CA SER B 133 7.82 -8.77 -4.31
C SER B 133 6.36 -8.39 -4.52
N CYS B 134 5.67 -9.24 -5.26
CA CYS B 134 4.21 -9.30 -5.27
C CYS B 134 3.90 -10.76 -4.96
N ARG B 135 3.61 -11.06 -3.70
CA ARG B 135 3.47 -12.45 -3.27
C ARG B 135 2.05 -12.96 -3.36
N VAL B 136 1.05 -12.09 -3.35
CA VAL B 136 -0.34 -12.54 -3.33
C VAL B 136 -0.84 -12.73 -4.76
N ASP B 137 -1.86 -13.57 -4.90
CA ASP B 137 -2.44 -13.87 -6.20
C ASP B 137 -3.44 -12.78 -6.57
N LEU B 138 -3.18 -12.09 -7.68
N LEU B 138 -3.18 -12.10 -7.69
CA LEU B 138 -4.06 -11.02 -8.13
CA LEU B 138 -4.03 -11.03 -8.18
C LEU B 138 -5.16 -11.51 -9.07
C LEU B 138 -5.17 -11.52 -9.04
N ASN B 139 -5.14 -12.80 -9.45
CA ASN B 139 -6.10 -13.27 -10.45
C ASN B 139 -7.52 -13.41 -9.91
N PRO B 140 -7.77 -14.04 -8.75
CA PRO B 140 -9.17 -14.23 -8.34
C PRO B 140 -9.95 -12.94 -8.18
N GLY B 141 -9.30 -11.86 -7.75
CA GLY B 141 -9.97 -10.61 -7.52
C GLY B 141 -9.92 -9.62 -8.66
N CYS B 142 -9.44 -10.03 -9.84
CA CYS B 142 -9.33 -9.15 -10.99
C CYS B 142 -10.66 -8.42 -11.20
N PRO B 143 -10.68 -7.08 -11.19
CA PRO B 143 -11.93 -6.36 -10.94
C PRO B 143 -12.93 -6.28 -12.09
N GLU B 144 -12.52 -6.42 -13.35
CA GLU B 144 -13.47 -6.44 -14.45
C GLU B 144 -13.22 -7.61 -15.39
N ASP B 145 -14.29 -8.02 -16.07
CA ASP B 145 -14.21 -9.11 -17.03
C ASP B 145 -13.25 -8.77 -18.17
N ARG B 146 -13.26 -7.51 -18.62
N ARG B 146 -13.25 -7.51 -18.62
CA ARG B 146 -12.40 -7.11 -19.73
CA ARG B 146 -12.40 -7.12 -19.74
C ARG B 146 -10.93 -7.22 -19.40
C ARG B 146 -10.91 -7.16 -19.41
N MET B 147 -10.55 -7.15 -18.12
CA MET B 147 -9.16 -7.35 -17.71
C MET B 147 -8.78 -8.80 -17.49
N LYS B 148 -9.73 -9.73 -17.46
CA LYS B 148 -9.42 -11.12 -17.14
C LYS B 148 -8.93 -11.86 -18.38
N VAL B 149 -7.82 -12.59 -18.22
CA VAL B 149 -7.42 -13.62 -19.17
C VAL B 149 -7.76 -14.96 -18.53
N LYS B 150 -8.57 -15.76 -19.22
CA LYS B 150 -9.12 -16.97 -18.65
C LYS B 150 -8.53 -18.19 -19.34
N ASP B 151 -8.37 -19.26 -18.56
CA ASP B 151 -7.98 -20.55 -19.13
C ASP B 151 -9.19 -21.22 -19.77
N GLY B 152 -8.97 -22.43 -20.29
CA GLY B 152 -10.04 -23.16 -20.95
C GLY B 152 -11.21 -23.47 -20.03
N ARG B 153 -11.02 -23.41 -18.72
CA ARG B 153 -12.08 -23.69 -17.78
C ARG B 153 -12.82 -22.45 -17.31
N GLY B 154 -12.39 -21.26 -17.72
CA GLY B 154 -12.97 -20.03 -17.25
C GLY B 154 -12.31 -19.42 -16.04
N THR B 155 -11.21 -20.01 -15.55
CA THR B 155 -10.50 -19.49 -14.40
C THR B 155 -9.54 -18.39 -14.83
N THR B 156 -9.51 -17.31 -14.07
CA THR B 156 -8.63 -16.19 -14.39
C THR B 156 -7.17 -16.58 -14.11
N ILE B 157 -6.32 -16.43 -15.12
CA ILE B 157 -4.89 -16.68 -15.00
C ILE B 157 -4.05 -15.44 -15.29
N GLY B 158 -4.69 -14.32 -15.61
CA GLY B 158 -3.99 -13.06 -15.81
C GLY B 158 -4.96 -11.93 -15.66
N CYS B 159 -4.44 -10.76 -15.29
CA CYS B 159 -5.28 -9.59 -15.07
C CYS B 159 -4.60 -8.39 -15.72
N LEU B 160 -5.15 -7.95 -16.85
CA LEU B 160 -4.61 -6.79 -17.57
C LEU B 160 -4.81 -5.51 -16.78
N SER B 161 -3.92 -4.55 -17.01
CA SER B 161 -4.15 -3.21 -16.50
C SER B 161 -5.35 -2.59 -17.20
N ALA B 162 -5.92 -1.55 -16.59
CA ALA B 162 -7.01 -0.83 -17.23
C ALA B 162 -6.58 -0.25 -18.57
N CYS B 163 -5.31 0.16 -18.67
CA CYS B 163 -4.78 0.64 -19.94
C CYS B 163 -4.80 -0.46 -20.99
N GLN B 164 -4.26 -1.64 -20.66
CA GLN B 164 -4.19 -2.72 -21.64
C GLN B 164 -5.56 -3.28 -22.00
N ALA B 165 -6.53 -3.18 -21.09
CA ALA B 165 -7.90 -3.61 -21.37
C ALA B 165 -8.70 -2.56 -22.12
N ASN B 166 -8.14 -1.37 -22.36
CA ASN B 166 -8.80 -0.30 -23.09
C ASN B 166 -10.14 0.08 -22.45
N LEU B 167 -10.15 0.18 -21.12
CA LEU B 167 -11.39 0.48 -20.43
C LEU B 167 -11.90 1.88 -20.76
N ASP B 168 -11.00 2.84 -20.98
CA ASP B 168 -11.44 4.19 -21.27
C ASP B 168 -11.80 4.42 -22.75
N GLY B 169 -11.49 3.45 -23.62
CA GLY B 169 -11.81 3.60 -25.03
C GLY B 169 -11.15 4.78 -25.69
N ASN B 170 -9.96 5.17 -25.24
CA ASN B 170 -9.30 6.38 -25.69
C ASN B 170 -7.79 6.21 -25.55
N HIS B 171 -7.23 5.24 -26.28
CA HIS B 171 -5.84 4.84 -26.06
C HIS B 171 -4.85 5.97 -26.29
N GLY B 172 -5.13 6.82 -27.29
CA GLY B 172 -4.21 7.88 -27.63
C GLY B 172 -4.23 9.09 -26.72
N ASN B 173 -5.22 9.16 -25.84
N ASN B 173 -5.25 9.20 -25.86
CA ASN B 173 -5.42 10.28 -24.93
CA ASN B 173 -5.36 10.29 -24.90
C ASN B 173 -5.96 9.73 -23.60
C ASN B 173 -5.94 9.74 -23.60
N SER B 174 -5.20 8.83 -22.99
CA SER B 174 -5.68 8.01 -21.89
C SER B 174 -5.07 8.40 -20.55
N ALA B 175 -5.92 8.57 -19.54
CA ALA B 175 -5.47 8.76 -18.16
C ALA B 175 -5.01 7.47 -17.50
N ASN B 176 -5.28 6.32 -18.13
CA ASN B 176 -4.79 5.03 -17.65
C ASN B 176 -3.42 4.70 -18.24
N CYS B 177 -3.25 4.95 -19.53
CA CYS B 177 -1.99 4.69 -20.23
C CYS B 177 -0.99 5.82 -20.11
N CYS B 178 -1.44 7.02 -19.69
CA CYS B 178 -0.59 8.21 -19.63
C CYS B 178 -0.09 8.59 -21.02
N THR B 179 -1.05 8.84 -21.92
CA THR B 179 -0.76 9.18 -23.30
C THR B 179 -1.45 10.48 -23.68
N GLY B 180 -0.93 11.12 -24.72
CA GLY B 180 -1.53 12.34 -25.24
C GLY B 180 -1.58 13.49 -24.26
N SER B 181 -2.78 13.99 -23.99
CA SER B 181 -2.94 15.05 -22.99
C SER B 181 -2.62 14.59 -21.58
N HIS B 182 -2.40 13.29 -21.36
CA HIS B 182 -1.98 12.74 -20.09
C HIS B 182 -0.56 12.19 -20.17
N GLY B 183 0.27 12.76 -21.04
CA GLY B 183 1.55 12.16 -21.37
C GLY B 183 2.75 12.66 -20.59
N LYS B 184 2.54 13.28 -19.44
CA LYS B 184 3.61 13.66 -18.55
C LYS B 184 3.16 13.42 -17.12
N PRO B 185 4.10 13.23 -16.18
CA PRO B 185 3.70 12.95 -14.79
C PRO B 185 2.74 13.96 -14.21
N GLU B 186 2.93 15.24 -14.50
CA GLU B 186 2.03 16.27 -13.98
C GLU B 186 0.62 16.16 -14.55
N THR B 187 0.44 15.49 -15.68
CA THR B 187 -0.89 15.33 -16.28
C THR B 187 -1.41 13.91 -16.21
N CYS B 188 -0.72 13.00 -15.53
CA CYS B 188 -1.20 11.63 -15.37
C CYS B 188 -1.02 11.23 -13.90
N PRO B 189 -1.88 11.75 -13.02
CA PRO B 189 -1.79 11.37 -11.60
C PRO B 189 -2.21 9.93 -11.41
N LYS B 190 -1.56 9.27 -10.45
CA LYS B 190 -1.88 7.88 -10.17
C LYS B 190 -3.32 7.72 -9.70
N THR B 191 -3.89 8.76 -9.09
CA THR B 191 -5.27 8.71 -8.65
C THR B 191 -6.27 8.71 -9.80
N GLY B 192 -5.82 9.00 -11.02
CA GLY B 192 -6.67 8.94 -12.20
C GLY B 192 -6.62 7.65 -12.97
N VAL B 193 -5.74 6.73 -12.57
CA VAL B 193 -5.58 5.45 -13.25
C VAL B 193 -6.60 4.48 -12.67
N LYS B 194 -7.53 4.02 -13.49
CA LYS B 194 -8.55 3.11 -13.00
C LYS B 194 -7.93 1.81 -12.52
N TYR B 195 -8.31 1.38 -11.31
CA TYR B 195 -7.88 0.14 -10.69
C TYR B 195 -6.42 0.14 -10.26
N TYR B 196 -5.74 1.29 -10.30
CA TYR B 196 -4.40 1.38 -9.72
C TYR B 196 -4.40 0.86 -8.29
N ASP B 197 -5.44 1.20 -7.52
CA ASP B 197 -5.51 0.79 -6.12
C ASP B 197 -5.66 -0.72 -5.96
N TYR B 198 -6.25 -1.40 -6.94
CA TYR B 198 -6.33 -2.86 -6.87
C TYR B 198 -4.95 -3.48 -6.91
N PHE B 199 -4.17 -3.12 -7.92
CA PHE B 199 -2.83 -3.69 -8.07
C PHE B 199 -1.92 -3.23 -6.94
N LYS B 200 -1.97 -1.94 -6.61
CA LYS B 200 -1.06 -1.39 -5.61
C LYS B 200 -1.46 -1.84 -4.21
N GLY B 201 -2.76 -1.96 -3.94
CA GLY B 201 -3.19 -2.40 -2.62
C GLY B 201 -2.78 -3.82 -2.32
N LYS B 202 -2.83 -4.69 -3.33
CA LYS B 202 -2.42 -6.07 -3.13
C LYS B 202 -0.90 -6.20 -3.07
N CYS B 203 -0.18 -5.40 -3.86
CA CYS B 203 1.28 -5.51 -3.98
C CYS B 203 1.91 -4.12 -4.06
N PRO B 204 2.08 -3.45 -2.92
CA PRO B 204 2.64 -2.09 -2.96
C PRO B 204 4.03 -2.01 -3.57
N ASP B 205 4.83 -3.08 -3.52
CA ASP B 205 6.19 -3.00 -4.07
C ASP B 205 6.17 -2.88 -5.59
N ALA B 206 5.21 -3.48 -6.25
CA ALA B 206 5.25 -3.60 -7.70
C ALA B 206 4.79 -2.30 -8.35
N TYR B 207 5.41 -1.98 -9.49
CA TYR B 207 4.96 -0.83 -10.26
C TYR B 207 3.61 -1.12 -10.89
N ALA B 208 2.72 -0.12 -10.86
CA ALA B 208 1.36 -0.30 -11.33
C ALA B 208 0.85 0.77 -12.29
N TYR B 209 1.64 1.79 -12.60
CA TYR B 209 1.24 2.65 -13.71
C TYR B 209 2.53 3.25 -14.26
N ALA B 210 2.39 4.06 -15.31
CA ALA B 210 3.55 4.50 -16.09
C ALA B 210 4.61 5.19 -15.26
N TYR B 211 4.23 5.88 -14.17
CA TYR B 211 5.19 6.73 -13.46
C TYR B 211 5.54 6.23 -12.07
N ASP B 212 5.20 4.98 -11.72
CA ASP B 212 5.69 4.43 -10.46
C ASP B 212 7.20 4.35 -10.44
N GLU B 213 7.81 3.96 -11.57
CA GLU B 213 9.26 3.78 -11.62
C GLU B 213 9.99 5.10 -11.35
N SER B 214 9.57 6.18 -12.00
CA SER B 214 10.24 7.45 -11.79
C SER B 214 10.12 7.92 -10.34
N SER B 215 9.06 7.50 -9.65
N SER B 215 9.05 7.50 -9.65
CA SER B 215 8.83 7.91 -8.28
CA SER B 215 8.83 7.91 -8.27
C SER B 215 9.49 6.99 -7.25
C SER B 215 9.51 6.99 -7.26
N GLN B 216 9.60 5.70 -7.56
CA GLN B 216 9.95 4.70 -6.56
C GLN B 216 11.24 3.92 -6.84
N SER B 217 11.93 4.20 -7.94
CA SER B 217 13.09 3.37 -8.31
C SER B 217 14.19 3.39 -7.26
N ALA B 218 14.31 4.48 -6.50
CA ALA B 218 15.36 4.56 -5.48
C ALA B 218 15.18 3.54 -4.36
N LEU B 219 14.00 2.94 -4.23
CA LEU B 219 13.75 1.94 -3.20
C LEU B 219 14.39 0.59 -3.51
N TRP B 220 14.78 0.35 -4.77
CA TRP B 220 15.13 -0.99 -5.23
C TRP B 220 16.47 -0.94 -5.97
N THR B 221 17.54 -0.70 -5.21
CA THR B 221 18.88 -0.61 -5.77
C THR B 221 19.87 -1.37 -4.91
N CYS B 222 20.99 -1.74 -5.54
CA CYS B 222 22.07 -2.46 -4.87
C CYS B 222 23.37 -2.16 -5.60
N ASN B 223 24.42 -1.83 -4.84
CA ASN B 223 25.73 -1.53 -5.43
C ASN B 223 26.81 -2.49 -4.93
N LYS B 224 26.41 -3.68 -4.51
CA LYS B 224 27.31 -4.63 -3.85
C LYS B 224 27.67 -5.81 -4.72
N GLY B 225 27.47 -5.71 -6.03
CA GLY B 225 27.81 -6.80 -6.94
C GLY B 225 27.02 -8.07 -6.70
N ALA B 226 25.72 -7.94 -6.48
CA ALA B 226 24.91 -9.04 -5.98
C ALA B 226 24.62 -10.07 -7.07
N ASP B 227 24.38 -11.30 -6.64
CA ASP B 227 23.67 -12.29 -7.43
C ASP B 227 22.19 -12.15 -7.10
N TYR B 228 21.34 -12.47 -8.08
CA TYR B 228 19.91 -12.26 -7.94
C TYR B 228 19.15 -13.54 -8.22
N THR B 229 18.03 -13.70 -7.53
CA THR B 229 17.08 -14.78 -7.76
C THR B 229 15.72 -14.18 -8.05
N VAL B 230 15.07 -14.67 -9.10
CA VAL B 230 13.68 -14.34 -9.42
C VAL B 230 12.87 -15.59 -9.14
N THR B 231 11.93 -15.50 -8.21
CA THR B 231 11.12 -16.64 -7.81
C THR B 231 9.66 -16.36 -8.18
N PHE B 232 9.08 -17.24 -8.99
CA PHE B 232 7.66 -17.19 -9.29
C PHE B 232 6.91 -18.03 -8.26
N CYS B 233 5.76 -17.51 -7.81
CA CYS B 233 4.99 -18.08 -6.71
C CYS B 233 5.84 -18.24 -5.45
N PRO B 234 6.47 -17.18 -4.96
CA PRO B 234 7.30 -17.30 -3.76
C PRO B 234 6.45 -17.60 -2.54
N HIS B 235 7.12 -18.05 -1.48
CA HIS B 235 6.48 -18.27 -0.19
C HIS B 235 5.74 -17.03 0.29
#